data_4WK5
#
_entry.id   4WK5
#
_cell.length_a   71.223
_cell.length_b   118.458
_cell.length_c   79.685
_cell.angle_alpha   90.000
_cell.angle_beta   90.000
_cell.angle_gamma   90.000
#
_symmetry.space_group_name_H-M   'C 2 2 21'
#
loop_
_entity.id
_entity.type
_entity.pdbx_description
1 polymer Geranyltranstransferase
2 water water
#
_entity_poly.entity_id   1
_entity_poly.type   'polypeptide(L)'
_entity_poly.pdbx_seq_one_letter_code
;MHHHHHHSSGVDLGTENLYFQSMKKETIERRIEELVKPHFNLLTESAMQYSVTAGGKRIRPLLVLTVGEDIGVEEERLVD
VAVAVELFHTASLVHDDLPPIDNADFRRGKPSCHRAYGEGIALLAGDGLFFLAFSQIAKVREPKLFEEFSETAYKLLLGE
AMDVEFERQEKEISVEMVEKMYSFKTGALFAFCFSAPFLLKGLDHTFVKKLGEKFGVAFQIYDDLKDVLGSLEKLGKDVG
KDVKKVTLVKKMGVQKAKQLADKYYEEVLEALESEGLHRTFDFLRNLKKMVEER
;
_entity_poly.pdbx_strand_id   A
#
# COMPACT_ATOMS: atom_id res chain seq x y z
N SER A 22 14.98 11.41 1.33
CA SER A 22 15.80 10.27 0.91
C SER A 22 16.44 9.59 2.11
N MET A 23 16.62 10.33 3.20
CA MET A 23 17.16 9.75 4.42
C MET A 23 16.15 8.80 5.08
N LYS A 24 14.88 9.22 5.12
CA LYS A 24 13.82 8.37 5.61
C LYS A 24 13.74 7.10 4.77
N LYS A 25 13.91 7.24 3.46
CA LYS A 25 13.81 6.07 2.59
C LYS A 25 14.97 5.11 2.86
N GLU A 26 16.16 5.66 3.09
CA GLU A 26 17.30 4.81 3.42
C GLU A 26 17.03 4.03 4.71
N THR A 27 16.40 4.69 5.69
CA THR A 27 16.03 4.02 6.93
C THR A 27 15.08 2.85 6.67
N ILE A 28 14.11 3.08 5.80
CA ILE A 28 13.17 2.03 5.41
C ILE A 28 13.90 0.88 4.70
N GLU A 29 14.76 1.19 3.75
CA GLU A 29 15.45 0.14 2.99
C GLU A 29 16.36 -0.69 3.88
N ARG A 30 17.05 -0.03 4.79
CA ARG A 30 17.92 -0.69 5.76
C ARG A 30 17.16 -1.69 6.62
N ARG A 31 16.05 -1.23 7.20
CA ARG A 31 15.31 -2.11 8.08
C ARG A 31 14.65 -3.26 7.31
N ILE A 32 14.08 -2.98 6.14
CA ILE A 32 13.35 -4.03 5.46
C ILE A 32 14.34 -5.10 4.94
N GLU A 33 15.54 -4.72 4.54
N GLU A 33 15.54 -4.71 4.53
CA GLU A 33 16.49 -5.74 4.08
CA GLU A 33 16.52 -5.71 4.08
C GLU A 33 17.00 -6.59 5.24
C GLU A 33 16.96 -6.60 5.24
N GLU A 34 17.07 -6.02 6.43
CA GLU A 34 17.43 -6.79 7.62
C GLU A 34 16.41 -7.90 7.87
N LEU A 35 15.14 -7.57 7.70
CA LEU A 35 14.06 -8.51 8.01
C LEU A 35 13.95 -9.64 6.99
N VAL A 36 14.30 -9.39 5.73
CA VAL A 36 14.17 -10.43 4.72
C VAL A 36 15.49 -11.13 4.33
N LYS A 37 16.59 -10.78 5.00
CA LYS A 37 17.83 -11.57 4.88
C LYS A 37 17.57 -13.02 5.27
N PRO A 38 17.94 -13.97 4.39
CA PRO A 38 17.67 -15.38 4.69
C PRO A 38 18.36 -15.85 5.96
N HIS A 39 17.70 -16.72 6.71
CA HIS A 39 18.27 -17.28 7.93
C HIS A 39 18.37 -18.79 7.90
N PHE A 40 17.61 -19.43 7.01
CA PHE A 40 17.51 -20.88 6.96
C PHE A 40 17.95 -21.45 5.64
N ASN A 41 18.61 -20.64 4.82
CA ASN A 41 19.15 -21.14 3.56
C ASN A 41 18.03 -21.72 2.69
N LEU A 42 16.91 -21.01 2.59
CA LEU A 42 15.84 -21.46 1.72
C LEU A 42 15.73 -20.61 0.48
N LEU A 43 15.41 -21.24 -0.64
CA LEU A 43 15.12 -20.49 -1.86
C LEU A 43 13.97 -19.52 -1.63
N THR A 44 13.01 -19.95 -0.82
CA THR A 44 11.83 -19.14 -0.59
C THR A 44 12.22 -17.86 0.13
N GLU A 45 13.21 -17.95 1.01
CA GLU A 45 13.74 -16.76 1.67
C GLU A 45 14.43 -15.85 0.67
N SER A 46 15.22 -16.43 -0.24
CA SER A 46 15.85 -15.63 -1.29
C SER A 46 14.82 -14.93 -2.17
N ALA A 47 13.70 -15.59 -2.40
CA ALA A 47 12.62 -15.03 -3.21
C ALA A 47 11.94 -13.86 -2.49
N MET A 48 11.77 -14.00 -1.16
CA MET A 48 11.25 -12.91 -0.35
C MET A 48 12.16 -11.70 -0.46
N GLN A 49 13.47 -11.94 -0.32
CA GLN A 49 14.44 -10.86 -0.40
C GLN A 49 14.42 -10.23 -1.78
N TYR A 50 14.32 -11.08 -2.79
CA TYR A 50 14.31 -10.62 -4.17
C TYR A 50 13.19 -9.62 -4.42
N SER A 51 11.98 -9.98 -4.00
CA SER A 51 10.84 -9.11 -4.25
C SER A 51 10.94 -7.79 -3.51
N VAL A 52 11.56 -7.79 -2.34
CA VAL A 52 11.83 -6.55 -1.64
C VAL A 52 12.92 -5.70 -2.34
N THR A 53 13.99 -6.36 -2.77
CA THR A 53 15.14 -5.65 -3.33
C THR A 53 14.82 -5.08 -4.70
N ALA A 54 13.89 -5.74 -5.41
CA ALA A 54 13.49 -5.26 -6.74
C ALA A 54 12.89 -3.85 -6.64
N GLY A 55 12.47 -3.49 -5.43
CA GLY A 55 12.34 -2.09 -5.07
C GLY A 55 10.94 -1.57 -5.19
N GLY A 56 10.82 -0.26 -5.11
CA GLY A 56 9.54 0.41 -5.16
C GLY A 56 9.76 1.83 -4.68
N LYS A 57 8.75 2.67 -4.87
CA LYS A 57 8.87 4.06 -4.47
C LYS A 57 8.74 4.23 -2.97
N ARG A 58 8.28 3.18 -2.29
CA ARG A 58 8.10 3.17 -0.84
C ARG A 58 7.16 4.27 -0.34
N ILE A 59 6.15 4.62 -1.12
CA ILE A 59 5.25 5.71 -0.72
C ILE A 59 4.53 5.44 0.60
N ARG A 60 4.07 4.22 0.79
CA ARG A 60 3.31 3.91 1.99
C ARG A 60 4.15 3.99 3.27
N PRO A 61 5.33 3.33 3.30
CA PRO A 61 6.09 3.46 4.56
C PRO A 61 6.59 4.90 4.77
N LEU A 62 6.90 5.60 3.70
CA LEU A 62 7.30 7.00 3.83
C LEU A 62 6.17 7.83 4.43
N LEU A 63 4.93 7.53 4.04
CA LEU A 63 3.77 8.23 4.60
C LEU A 63 3.63 7.96 6.10
N VAL A 64 3.81 6.71 6.51
CA VAL A 64 3.80 6.38 7.94
C VAL A 64 4.84 7.21 8.70
N LEU A 65 6.05 7.30 8.15
CA LEU A 65 7.11 8.06 8.81
C LEU A 65 6.82 9.55 8.84
N THR A 66 6.27 10.11 7.76
CA THR A 66 6.06 11.55 7.74
C THR A 66 4.89 11.94 8.64
N VAL A 67 3.80 11.16 8.62
CA VAL A 67 2.66 11.45 9.49
C VAL A 67 3.09 11.31 10.96
N GLY A 68 3.82 10.23 11.25
CA GLY A 68 4.31 10.01 12.60
C GLY A 68 5.23 11.12 13.08
N GLU A 69 6.10 11.59 12.20
CA GLU A 69 7.01 12.66 12.60
C GLU A 69 6.23 13.95 12.83
N ASP A 70 5.20 14.18 12.02
CA ASP A 70 4.37 15.37 12.17
C ASP A 70 3.65 15.42 13.52
N ILE A 71 3.30 14.28 14.10
CA ILE A 71 2.54 14.29 15.34
C ILE A 71 3.37 13.85 16.55
N GLY A 72 4.68 13.69 16.34
CA GLY A 72 5.60 13.40 17.42
C GLY A 72 5.63 11.97 17.92
N VAL A 73 5.49 11.02 17.01
CA VAL A 73 5.60 9.61 17.40
C VAL A 73 7.07 9.20 17.41
N GLU A 74 7.41 8.46 18.45
CA GLU A 74 8.71 7.82 18.62
C GLU A 74 9.10 7.04 17.36
N GLU A 75 10.31 7.26 16.88
CA GLU A 75 10.76 6.72 15.59
C GLU A 75 10.71 5.18 15.50
N GLU A 76 11.10 4.49 16.57
CA GLU A 76 11.31 3.04 16.51
C GLU A 76 10.04 2.25 16.21
N ARG A 77 8.97 2.52 16.95
N ARG A 77 8.98 2.52 16.97
CA ARG A 77 7.71 1.82 16.71
CA ARG A 77 7.69 1.88 16.76
C ARG A 77 7.08 2.30 15.41
C ARG A 77 7.12 2.29 15.40
N LEU A 78 7.42 3.51 14.98
CA LEU A 78 6.96 4.01 13.70
C LEU A 78 7.63 3.22 12.56
N VAL A 79 8.93 2.97 12.70
CA VAL A 79 9.67 2.23 11.68
C VAL A 79 9.09 0.83 11.52
N ASP A 80 8.77 0.18 12.64
CA ASP A 80 8.14 -1.15 12.63
C ASP A 80 6.86 -1.18 11.82
N VAL A 81 5.98 -0.20 12.05
CA VAL A 81 4.73 -0.08 11.34
C VAL A 81 4.99 0.18 9.86
N ALA A 82 5.90 1.11 9.57
CA ALA A 82 6.17 1.45 8.18
C ALA A 82 6.67 0.24 7.40
N VAL A 83 7.63 -0.50 7.96
CA VAL A 83 8.15 -1.67 7.24
C VAL A 83 7.10 -2.77 7.13
N ALA A 84 6.27 -2.95 8.17
CA ALA A 84 5.16 -3.90 8.08
C ALA A 84 4.24 -3.59 6.90
N VAL A 85 3.89 -2.30 6.75
CA VAL A 85 3.00 -1.92 5.68
C VAL A 85 3.66 -2.23 4.33
N GLU A 86 4.96 -1.98 4.23
CA GLU A 86 5.62 -2.22 2.95
C GLU A 86 5.79 -3.71 2.68
N LEU A 87 6.07 -4.51 3.71
CA LEU A 87 6.12 -5.96 3.54
C LEU A 87 4.78 -6.50 3.05
N PHE A 88 3.69 -5.99 3.62
CA PHE A 88 2.36 -6.41 3.23
C PHE A 88 2.09 -6.04 1.77
N HIS A 89 2.44 -4.81 1.40
CA HIS A 89 2.26 -4.34 0.04
C HIS A 89 3.06 -5.21 -0.94
N THR A 90 4.31 -5.51 -0.58
CA THR A 90 5.16 -6.35 -1.43
C THR A 90 4.54 -7.71 -1.66
N ALA A 91 4.07 -8.33 -0.57
CA ALA A 91 3.41 -9.63 -0.62
C ALA A 91 2.20 -9.62 -1.55
N SER A 92 1.41 -8.56 -1.46
N SER A 92 1.39 -8.56 -1.44
CA SER A 92 0.21 -8.44 -2.29
CA SER A 92 0.22 -8.42 -2.30
C SER A 92 0.59 -8.41 -3.78
C SER A 92 0.60 -8.44 -3.78
N LEU A 93 1.68 -7.74 -4.12
CA LEU A 93 2.16 -7.67 -5.50
C LEU A 93 2.68 -9.03 -5.98
N VAL A 94 3.37 -9.76 -5.10
CA VAL A 94 3.85 -11.10 -5.43
C VAL A 94 2.68 -12.02 -5.84
N HIS A 95 1.62 -12.03 -5.06
CA HIS A 95 0.46 -12.85 -5.41
C HIS A 95 -0.29 -12.31 -6.61
N ASP A 96 -0.44 -10.99 -6.70
CA ASP A 96 -1.18 -10.41 -7.81
C ASP A 96 -0.50 -10.67 -9.15
N ASP A 97 0.83 -10.73 -9.17
CA ASP A 97 1.55 -10.99 -10.43
C ASP A 97 1.41 -12.41 -10.94
N LEU A 98 0.98 -13.34 -10.09
CA LEU A 98 0.99 -14.76 -10.45
C LEU A 98 0.14 -15.03 -11.69
N PRO A 99 0.51 -16.05 -12.47
CA PRO A 99 -0.22 -16.36 -13.72
C PRO A 99 -1.74 -16.51 -13.59
N PRO A 100 -2.26 -17.10 -12.49
CA PRO A 100 -3.73 -17.15 -12.40
C PRO A 100 -4.41 -15.81 -12.13
N ILE A 101 -3.65 -14.79 -11.73
CA ILE A 101 -4.21 -13.48 -11.45
C ILE A 101 -3.81 -12.50 -12.56
N ASP A 102 -2.77 -11.69 -12.38
CA ASP A 102 -2.43 -10.71 -13.43
C ASP A 102 -1.43 -11.25 -14.46
N ASN A 103 -0.74 -12.34 -14.13
CA ASN A 103 0.21 -12.97 -15.06
C ASN A 103 1.26 -11.99 -15.61
N ALA A 104 1.97 -11.33 -14.70
CA ALA A 104 3.00 -10.37 -15.08
C ALA A 104 4.36 -11.05 -15.14
N ASP A 105 5.05 -10.91 -16.27
CA ASP A 105 6.39 -11.48 -16.40
C ASP A 105 7.42 -10.57 -15.75
N PHE A 106 7.09 -9.28 -15.67
CA PHE A 106 8.03 -8.31 -15.13
C PHE A 106 7.39 -7.40 -14.11
N ARG A 107 8.21 -6.94 -13.17
CA ARG A 107 7.80 -5.89 -12.23
C ARG A 107 9.00 -4.98 -12.02
N ARG A 108 8.79 -3.68 -12.18
CA ARG A 108 9.87 -2.69 -12.10
C ARG A 108 11.06 -3.07 -12.97
N GLY A 109 10.77 -3.54 -14.17
CA GLY A 109 11.81 -3.85 -15.16
C GLY A 109 12.58 -5.12 -14.92
N LYS A 110 12.26 -5.83 -13.84
CA LYS A 110 12.92 -7.09 -13.52
C LYS A 110 11.91 -8.23 -13.51
N PRO A 111 12.37 -9.48 -13.70
CA PRO A 111 11.39 -10.58 -13.70
C PRO A 111 10.55 -10.59 -12.45
N SER A 112 9.26 -10.89 -12.62
CA SER A 112 8.39 -11.05 -11.47
C SER A 112 8.90 -12.19 -10.60
N CYS A 113 8.43 -12.29 -9.37
CA CYS A 113 8.95 -13.28 -8.44
C CYS A 113 8.75 -14.71 -9.01
N HIS A 114 7.58 -15.00 -9.58
CA HIS A 114 7.37 -16.35 -10.10
C HIS A 114 8.18 -16.64 -11.35
N ARG A 115 8.55 -15.61 -12.10
CA ARG A 115 9.42 -15.83 -13.25
C ARG A 115 10.83 -16.14 -12.75
N ALA A 116 11.24 -15.48 -11.67
CA ALA A 116 12.58 -15.66 -11.13
C ALA A 116 12.73 -16.99 -10.40
N TYR A 117 11.68 -17.44 -9.70
CA TYR A 117 11.73 -18.58 -8.79
C TYR A 117 10.69 -19.70 -9.04
N GLY A 118 9.74 -19.48 -9.93
CA GLY A 118 8.68 -20.45 -10.13
C GLY A 118 7.46 -20.07 -9.33
N GLU A 119 6.28 -20.52 -9.77
CA GLU A 119 5.03 -20.16 -9.10
C GLU A 119 4.91 -20.66 -7.67
N GLY A 120 5.38 -21.89 -7.41
CA GLY A 120 5.27 -22.48 -6.08
C GLY A 120 6.06 -21.70 -5.05
N ILE A 121 7.33 -21.48 -5.35
CA ILE A 121 8.19 -20.73 -4.43
C ILE A 121 7.66 -19.30 -4.27
N ALA A 122 7.22 -18.69 -5.37
CA ALA A 122 6.71 -17.31 -5.29
C ALA A 122 5.44 -17.22 -4.42
N LEU A 123 4.53 -18.19 -4.56
CA LEU A 123 3.35 -18.25 -3.73
C LEU A 123 3.69 -18.27 -2.26
N LEU A 124 4.62 -19.15 -1.92
CA LEU A 124 5.08 -19.27 -0.53
C LEU A 124 5.80 -18.01 -0.06
N ALA A 125 6.59 -17.39 -0.94
CA ALA A 125 7.29 -16.15 -0.56
C ALA A 125 6.30 -15.05 -0.22
N GLY A 126 5.21 -14.97 -0.99
CA GLY A 126 4.13 -14.03 -0.70
C GLY A 126 3.53 -14.31 0.67
N ASP A 127 3.24 -15.57 0.97
CA ASP A 127 2.74 -15.92 2.29
C ASP A 127 3.72 -15.51 3.38
N GLY A 128 5.00 -15.79 3.17
CA GLY A 128 6.03 -15.47 4.16
C GLY A 128 6.10 -13.98 4.42
N LEU A 129 6.01 -13.19 3.35
CA LEU A 129 6.04 -11.72 3.47
C LEU A 129 4.83 -11.20 4.26
N PHE A 130 3.66 -11.79 4.01
CA PHE A 130 2.46 -11.43 4.80
C PHE A 130 2.72 -11.69 6.28
N PHE A 131 3.26 -12.86 6.58
CA PHE A 131 3.41 -13.25 7.98
C PHE A 131 4.50 -12.42 8.65
N LEU A 132 5.54 -12.05 7.90
CA LEU A 132 6.57 -11.14 8.44
C LEU A 132 5.95 -9.79 8.78
N ALA A 133 5.03 -9.33 7.93
CA ALA A 133 4.33 -8.06 8.17
C ALA A 133 3.55 -8.12 9.49
N PHE A 134 2.74 -9.17 9.67
CA PHE A 134 2.00 -9.33 10.92
C PHE A 134 2.96 -9.41 12.11
N SER A 135 4.06 -10.13 11.94
CA SER A 135 5.06 -10.24 13.02
C SER A 135 5.60 -8.88 13.45
N GLN A 136 5.84 -8.01 12.47
CA GLN A 136 6.37 -6.68 12.79
C GLN A 136 5.32 -5.80 13.49
N ILE A 137 4.08 -5.87 13.03
CA ILE A 137 3.03 -5.15 13.74
C ILE A 137 2.89 -5.66 15.18
N ALA A 138 3.00 -6.98 15.37
CA ALA A 138 2.85 -7.55 16.70
C ALA A 138 3.91 -7.02 17.68
N LYS A 139 5.10 -6.70 17.15
CA LYS A 139 6.19 -6.14 17.96
C LYS A 139 5.86 -4.80 18.61
N VAL A 140 4.91 -4.08 18.06
CA VAL A 140 4.61 -2.73 18.53
C VAL A 140 3.89 -2.75 19.87
N ARG A 141 3.18 -3.85 20.14
CA ARG A 141 2.55 -4.08 21.44
C ARG A 141 1.45 -3.06 21.75
N GLU A 142 0.48 -2.98 20.84
N GLU A 142 0.52 -2.92 20.82
CA GLU A 142 -0.66 -2.09 20.98
CA GLU A 142 -0.67 -2.08 21.01
C GLU A 142 -1.89 -2.77 20.39
C GLU A 142 -1.86 -2.81 20.39
N PRO A 143 -2.73 -3.39 21.24
CA PRO A 143 -3.84 -4.27 20.82
C PRO A 143 -4.72 -3.71 19.71
N LYS A 144 -5.07 -2.42 19.83
CA LYS A 144 -5.91 -1.81 18.82
C LYS A 144 -5.17 -1.80 17.49
N LEU A 145 -3.85 -1.68 17.50
CA LEU A 145 -3.09 -1.65 16.25
C LEU A 145 -3.15 -3.01 15.52
N PHE A 146 -3.00 -4.10 16.26
N PHE A 146 -2.99 -4.08 16.30
CA PHE A 146 -3.01 -5.42 15.63
CA PHE A 146 -3.08 -5.45 15.78
C PHE A 146 -4.42 -5.72 15.07
C PHE A 146 -4.39 -5.63 15.06
N GLU A 147 -5.46 -5.27 15.76
CA GLU A 147 -6.82 -5.41 15.26
C GLU A 147 -7.02 -4.58 13.99
N GLU A 148 -6.56 -3.34 14.03
CA GLU A 148 -6.73 -2.44 12.89
C GLU A 148 -5.97 -2.96 11.67
N PHE A 149 -4.74 -3.43 11.89
CA PHE A 149 -3.96 -4.00 10.80
C PHE A 149 -4.64 -5.24 10.20
N SER A 150 -5.16 -6.12 11.07
CA SER A 150 -5.76 -7.35 10.58
C SER A 150 -7.03 -7.04 9.78
N GLU A 151 -7.82 -6.08 10.25
CA GLU A 151 -9.03 -5.65 9.53
C GLU A 151 -8.67 -5.06 8.17
N THR A 152 -7.59 -4.28 8.14
CA THR A 152 -7.11 -3.66 6.90
C THR A 152 -6.70 -4.74 5.90
N ALA A 153 -5.99 -5.75 6.39
CA ALA A 153 -5.51 -6.82 5.54
C ALA A 153 -6.67 -7.54 4.86
N TYR A 154 -7.70 -7.85 5.63
CA TYR A 154 -8.83 -8.56 5.07
C TYR A 154 -9.59 -7.69 4.05
N LYS A 155 -9.76 -6.40 4.36
CA LYS A 155 -10.35 -5.47 3.39
C LYS A 155 -9.56 -5.41 2.07
N LEU A 156 -8.24 -5.36 2.18
CA LEU A 156 -7.39 -5.33 0.99
C LEU A 156 -7.57 -6.60 0.13
N LEU A 157 -7.73 -7.74 0.79
CA LEU A 157 -7.93 -9.00 0.09
C LEU A 157 -9.29 -8.98 -0.63
N LEU A 158 -10.33 -8.51 0.07
CA LEU A 158 -11.65 -8.42 -0.55
C LEU A 158 -11.60 -7.49 -1.75
N GLY A 159 -10.84 -6.40 -1.62
CA GLY A 159 -10.66 -5.48 -2.72
C GLY A 159 -10.03 -6.15 -3.93
N GLU A 160 -9.00 -6.97 -3.67
CA GLU A 160 -8.34 -7.67 -4.78
C GLU A 160 -9.30 -8.69 -5.38
N ALA A 161 -10.08 -9.37 -4.54
CA ALA A 161 -11.09 -10.31 -5.02
C ALA A 161 -12.10 -9.59 -5.94
N MET A 162 -12.59 -8.43 -5.50
CA MET A 162 -13.50 -7.65 -6.36
C MET A 162 -12.87 -7.33 -7.73
N ASP A 163 -11.62 -6.88 -7.71
CA ASP A 163 -10.92 -6.50 -8.94
C ASP A 163 -10.86 -7.69 -9.91
N VAL A 164 -10.46 -8.85 -9.40
CA VAL A 164 -10.38 -10.06 -10.19
C VAL A 164 -11.74 -10.50 -10.70
N GLU A 165 -12.73 -10.45 -9.83
CA GLU A 165 -14.06 -10.96 -10.19
C GLU A 165 -14.82 -10.04 -11.13
N PHE A 166 -14.57 -8.74 -11.04
CA PHE A 166 -15.27 -7.77 -11.88
C PHE A 166 -14.81 -7.86 -13.33
N GLU A 167 -13.66 -8.47 -13.58
CA GLU A 167 -13.12 -8.56 -14.95
C GLU A 167 -14.17 -9.02 -15.96
N ARG A 168 -14.17 -8.36 -17.12
CA ARG A 168 -15.09 -8.63 -18.23
C ARG A 168 -16.56 -8.31 -17.91
N GLN A 169 -16.80 -7.45 -16.92
CA GLN A 169 -18.16 -7.07 -16.57
C GLN A 169 -18.40 -5.57 -16.39
N GLU A 170 -17.61 -4.73 -17.08
CA GLU A 170 -17.71 -3.27 -16.89
C GLU A 170 -19.13 -2.72 -17.02
N LYS A 171 -19.92 -3.33 -17.89
CA LYS A 171 -21.30 -2.90 -18.09
C LYS A 171 -22.19 -3.30 -16.91
N GLU A 172 -21.97 -4.51 -16.37
CA GLU A 172 -22.80 -5.04 -15.29
C GLU A 172 -22.33 -4.58 -13.90
N ILE A 173 -21.18 -3.93 -13.84
CA ILE A 173 -20.67 -3.41 -12.58
C ILE A 173 -20.92 -1.90 -12.51
N SER A 174 -21.52 -1.43 -11.42
CA SER A 174 -21.86 -0.03 -11.26
C SER A 174 -20.64 0.79 -10.87
N VAL A 175 -20.69 2.09 -11.09
CA VAL A 175 -19.58 2.95 -10.72
C VAL A 175 -19.39 2.90 -9.20
N GLU A 176 -20.49 2.75 -8.47
CA GLU A 176 -20.43 2.67 -7.02
C GLU A 176 -19.66 1.43 -6.57
N MET A 177 -19.87 0.30 -7.24
CA MET A 177 -19.17 -0.93 -6.90
C MET A 177 -17.69 -0.79 -7.27
N VAL A 178 -17.40 -0.09 -8.36
CA VAL A 178 -16.00 0.08 -8.74
C VAL A 178 -15.28 0.98 -7.72
N GLU A 179 -15.95 2.06 -7.30
CA GLU A 179 -15.32 2.94 -6.29
C GLU A 179 -15.10 2.19 -4.96
N LYS A 180 -16.04 1.31 -4.61
CA LYS A 180 -15.92 0.50 -3.40
C LYS A 180 -14.68 -0.41 -3.49
N MET A 181 -14.48 -0.97 -4.67
CA MET A 181 -13.33 -1.80 -4.91
C MET A 181 -12.02 -1.01 -4.75
N TYR A 182 -12.00 0.22 -5.24
CA TYR A 182 -10.81 1.08 -5.07
C TYR A 182 -10.58 1.33 -3.59
N SER A 183 -11.66 1.60 -2.88
CA SER A 183 -11.59 1.88 -1.45
C SER A 183 -10.99 0.72 -0.68
N PHE A 184 -11.42 -0.49 -1.03
CA PHE A 184 -10.92 -1.68 -0.36
C PHE A 184 -9.51 -2.07 -0.81
N LYS A 185 -9.28 -2.05 -2.12
CA LYS A 185 -8.04 -2.59 -2.66
C LYS A 185 -6.81 -1.71 -2.44
N THR A 186 -7.04 -0.39 -2.43
CA THR A 186 -5.96 0.58 -2.32
C THR A 186 -6.18 1.55 -1.15
N GLY A 187 -7.41 2.03 -1.01
CA GLY A 187 -7.74 2.96 0.06
C GLY A 187 -7.45 2.45 1.45
N ALA A 188 -7.78 1.19 1.72
CA ALA A 188 -7.68 0.68 3.09
C ALA A 188 -6.24 0.74 3.62
N LEU A 189 -5.26 0.42 2.78
CA LEU A 189 -3.89 0.40 3.28
C LEU A 189 -3.38 1.83 3.49
N PHE A 190 -3.79 2.76 2.62
CA PHE A 190 -3.40 4.16 2.85
C PHE A 190 -4.09 4.71 4.08
N ALA A 191 -5.34 4.31 4.33
CA ALA A 191 -6.02 4.76 5.53
C ALA A 191 -5.25 4.30 6.78
N PHE A 192 -4.72 3.08 6.71
CA PHE A 192 -3.95 2.54 7.82
C PHE A 192 -2.66 3.32 8.01
N CYS A 193 -2.05 3.79 6.91
CA CYS A 193 -0.83 4.59 7.02
C CYS A 193 -1.06 5.87 7.81
N PHE A 194 -2.26 6.45 7.70
CA PHE A 194 -2.65 7.60 8.51
C PHE A 194 -3.09 7.20 9.93
N SER A 195 -3.90 6.14 10.03
CA SER A 195 -4.46 5.69 11.31
C SER A 195 -3.41 5.24 12.31
N ALA A 196 -2.46 4.45 11.83
CA ALA A 196 -1.50 3.77 12.71
C ALA A 196 -0.67 4.75 13.57
N PRO A 197 -0.11 5.83 12.96
CA PRO A 197 0.65 6.72 13.85
C PRO A 197 -0.24 7.39 14.89
N PHE A 198 -1.47 7.73 14.52
CA PHE A 198 -2.39 8.36 15.48
C PHE A 198 -2.71 7.38 16.61
N LEU A 199 -2.81 6.09 16.29
CA LEU A 199 -2.99 5.07 17.32
C LEU A 199 -1.78 5.01 18.26
N LEU A 200 -0.59 5.04 17.68
CA LEU A 200 0.64 5.00 18.46
C LEU A 200 0.75 6.20 19.41
N LYS A 201 0.22 7.34 19.00
CA LYS A 201 0.31 8.58 19.77
C LYS A 201 -0.86 8.74 20.73
N GLY A 202 -1.90 7.93 20.55
CA GLY A 202 -3.08 8.01 21.39
C GLY A 202 -4.07 9.09 20.97
N LEU A 203 -3.94 9.56 19.73
CA LEU A 203 -4.86 10.57 19.19
C LEU A 203 -5.99 9.91 18.40
N ASP A 204 -7.15 10.56 18.38
CA ASP A 204 -8.30 10.04 17.64
C ASP A 204 -8.00 9.99 16.14
N HIS A 205 -8.29 8.85 15.51
CA HIS A 205 -7.89 8.63 14.11
C HIS A 205 -9.07 8.58 13.14
N THR A 206 -10.26 8.91 13.63
CA THR A 206 -11.46 8.85 12.80
C THR A 206 -11.34 9.75 11.58
N PHE A 207 -10.90 10.98 11.81
CA PHE A 207 -10.75 11.96 10.73
C PHE A 207 -9.76 11.51 9.67
N VAL A 208 -8.51 11.29 10.09
CA VAL A 208 -7.42 11.03 9.16
C VAL A 208 -7.56 9.70 8.40
N LYS A 209 -8.27 8.74 8.98
CA LYS A 209 -8.49 7.47 8.29
C LYS A 209 -9.32 7.68 7.02
N LYS A 210 -10.30 8.58 7.14
CA LYS A 210 -11.12 9.01 6.00
C LYS A 210 -10.23 9.67 4.94
N LEU A 211 -9.25 10.44 5.39
CA LEU A 211 -8.29 11.08 4.49
C LEU A 211 -7.49 10.06 3.70
N GLY A 212 -6.98 9.03 4.38
CA GLY A 212 -6.18 8.03 3.71
C GLY A 212 -6.97 7.27 2.67
N GLU A 213 -8.23 6.98 2.97
CA GLU A 213 -9.06 6.27 2.01
C GLU A 213 -9.26 7.08 0.74
N LYS A 214 -9.58 8.38 0.88
CA LYS A 214 -9.74 9.22 -0.29
C LYS A 214 -8.43 9.38 -1.06
N PHE A 215 -7.33 9.57 -0.33
CA PHE A 215 -6.04 9.64 -0.99
C PHE A 215 -5.79 8.38 -1.81
N GLY A 216 -6.10 7.23 -1.22
CA GLY A 216 -5.90 5.95 -1.89
C GLY A 216 -6.72 5.80 -3.16
N VAL A 217 -7.97 6.22 -3.13
CA VAL A 217 -8.78 6.15 -4.35
C VAL A 217 -8.17 7.04 -5.45
N ALA A 218 -7.77 8.25 -5.07
CA ALA A 218 -7.14 9.18 -6.00
C ALA A 218 -5.84 8.61 -6.56
N PHE A 219 -5.07 8.00 -5.67
CA PHE A 219 -3.81 7.35 -6.05
C PHE A 219 -4.04 6.27 -7.11
N GLN A 220 -5.06 5.44 -6.92
N GLN A 220 -5.07 5.46 -6.91
CA GLN A 220 -5.33 4.36 -7.88
CA GLN A 220 -5.39 4.38 -7.84
C GLN A 220 -5.81 4.93 -9.22
C GLN A 220 -5.80 4.94 -9.21
N ILE A 221 -6.60 6.00 -9.19
CA ILE A 221 -7.08 6.63 -10.44
C ILE A 221 -5.90 7.21 -11.21
N TYR A 222 -5.00 7.89 -10.50
CA TYR A 222 -3.82 8.44 -11.15
C TYR A 222 -3.00 7.33 -11.78
N ASP A 223 -2.91 6.18 -11.10
CA ASP A 223 -2.23 5.02 -11.68
C ASP A 223 -2.93 4.53 -12.95
N ASP A 224 -4.26 4.50 -12.92
CA ASP A 224 -5.07 4.15 -14.08
C ASP A 224 -4.73 5.04 -15.27
N LEU A 225 -4.67 6.34 -15.00
CA LEU A 225 -4.47 7.34 -16.05
C LEU A 225 -3.06 7.23 -16.62
N LYS A 226 -2.09 6.99 -15.75
CA LYS A 226 -0.72 6.69 -16.17
C LYS A 226 -0.68 5.51 -17.14
N ASP A 227 -1.39 4.43 -16.81
CA ASP A 227 -1.43 3.24 -17.65
C ASP A 227 -2.03 3.53 -19.02
N VAL A 228 -3.06 4.37 -19.05
CA VAL A 228 -3.73 4.74 -20.29
C VAL A 228 -2.80 5.47 -21.24
N LEU A 229 -1.98 6.36 -20.70
CA LEU A 229 -1.06 7.15 -21.52
C LEU A 229 0.12 6.31 -21.99
N GLY A 230 0.45 5.26 -21.24
CA GLY A 230 1.38 4.25 -21.72
C GLY A 230 0.74 3.57 -22.90
N SER A 231 1.09 4.01 -24.10
CA SER A 231 0.42 3.57 -25.31
C SER A 231 1.38 3.09 -26.39
N LYS A 245 -10.02 -5.78 -16.87
CA LYS A 245 -9.97 -5.02 -15.62
C LYS A 245 -10.93 -3.84 -15.68
N VAL A 246 -11.79 -3.70 -14.68
CA VAL A 246 -12.71 -2.57 -14.62
C VAL A 246 -12.08 -1.44 -13.82
N THR A 247 -12.00 -0.26 -14.43
CA THR A 247 -11.41 0.89 -13.75
C THR A 247 -12.40 2.03 -13.68
N LEU A 248 -12.11 3.02 -12.84
CA LEU A 248 -12.93 4.22 -12.77
C LEU A 248 -12.77 5.03 -14.05
N VAL A 249 -11.63 4.88 -14.71
CA VAL A 249 -11.44 5.58 -15.99
C VAL A 249 -12.39 4.99 -17.04
N LYS A 250 -12.53 3.66 -17.04
CA LYS A 250 -13.49 3.01 -17.93
C LYS A 250 -14.93 3.43 -17.65
N LYS A 251 -15.30 3.50 -16.37
CA LYS A 251 -16.68 3.81 -15.99
C LYS A 251 -17.04 5.28 -16.15
N MET A 252 -16.10 6.16 -15.82
CA MET A 252 -16.39 7.59 -15.75
C MET A 252 -15.87 8.35 -16.97
N GLY A 253 -14.96 7.73 -17.71
CA GLY A 253 -14.23 8.42 -18.74
C GLY A 253 -13.06 9.17 -18.14
N VAL A 254 -12.10 9.56 -18.98
CA VAL A 254 -10.87 10.19 -18.51
C VAL A 254 -11.10 11.52 -17.77
N GLN A 255 -11.94 12.38 -18.32
CA GLN A 255 -12.15 13.70 -17.71
C GLN A 255 -12.78 13.61 -16.32
N LYS A 256 -13.87 12.87 -16.20
CA LYS A 256 -14.55 12.76 -14.91
C LYS A 256 -13.71 12.00 -13.87
N ALA A 257 -12.98 10.98 -14.32
CA ALA A 257 -12.11 10.23 -13.41
C ALA A 257 -10.99 11.11 -12.85
N LYS A 258 -10.36 11.88 -13.72
CA LYS A 258 -9.28 12.77 -13.30
C LYS A 258 -9.83 13.85 -12.37
N GLN A 259 -11.02 14.36 -12.67
CA GLN A 259 -11.66 15.37 -11.83
C GLN A 259 -11.91 14.85 -10.43
N LEU A 260 -12.35 13.59 -10.34
CA LEU A 260 -12.59 12.96 -9.05
C LEU A 260 -11.29 12.83 -8.26
N ALA A 261 -10.26 12.35 -8.94
CA ALA A 261 -8.95 12.16 -8.31
C ALA A 261 -8.39 13.50 -7.83
N ASP A 262 -8.51 14.52 -8.68
CA ASP A 262 -8.02 15.83 -8.31
C ASP A 262 -8.77 16.38 -7.11
N LYS A 263 -10.08 16.15 -7.08
CA LYS A 263 -10.92 16.67 -6.00
C LYS A 263 -10.51 16.05 -4.66
N TYR A 264 -10.38 14.73 -4.66
CA TYR A 264 -9.94 13.99 -3.47
C TYR A 264 -8.54 14.42 -3.03
N TYR A 265 -7.62 14.53 -3.99
CA TYR A 265 -6.26 14.93 -3.65
C TYR A 265 -6.22 16.30 -3.00
N GLU A 266 -7.00 17.23 -3.55
CA GLU A 266 -7.02 18.59 -3.03
C GLU A 266 -7.64 18.62 -1.63
N GLU A 267 -8.69 17.83 -1.42
CA GLU A 267 -9.31 17.74 -0.09
C GLU A 267 -8.29 17.24 0.94
N VAL A 268 -7.50 16.23 0.57
CA VAL A 268 -6.53 15.67 1.48
C VAL A 268 -5.43 16.69 1.80
N LEU A 269 -4.88 17.33 0.76
CA LEU A 269 -3.84 18.34 0.97
C LEU A 269 -4.31 19.46 1.89
N GLU A 270 -5.52 19.95 1.65
CA GLU A 270 -6.05 21.06 2.43
C GLU A 270 -6.26 20.68 3.89
N ALA A 271 -6.72 19.45 4.12
CA ALA A 271 -6.86 18.95 5.49
C ALA A 271 -5.51 18.85 6.18
N LEU A 272 -4.50 18.31 5.47
CA LEU A 272 -3.15 18.17 6.04
C LEU A 272 -2.56 19.54 6.39
N GLU A 273 -2.70 20.49 5.49
CA GLU A 273 -2.19 21.84 5.73
C GLU A 273 -2.90 22.47 6.93
N SER A 274 -4.22 22.36 6.95
CA SER A 274 -5.03 22.91 8.05
C SER A 274 -4.65 22.36 9.43
N GLU A 275 -4.24 21.09 9.46
CA GLU A 275 -3.93 20.42 10.73
C GLU A 275 -2.47 20.58 11.14
N GLY A 276 -1.69 21.28 10.34
CA GLY A 276 -0.28 21.48 10.62
C GLY A 276 0.55 20.22 10.42
N LEU A 277 0.09 19.34 9.55
CA LEU A 277 0.82 18.11 9.21
C LEU A 277 1.78 18.47 8.05
N HIS A 278 2.78 19.30 8.38
CA HIS A 278 3.64 19.97 7.41
C HIS A 278 4.43 19.06 6.50
N ARG A 279 5.11 18.09 7.10
CA ARG A 279 5.95 17.17 6.35
C ARG A 279 5.10 16.32 5.42
N THR A 280 3.93 15.93 5.92
CA THR A 280 3.04 15.08 5.14
C THR A 280 2.47 15.86 3.95
N PHE A 281 2.09 17.10 4.20
CA PHE A 281 1.62 18.01 3.16
C PHE A 281 2.68 18.19 2.07
N ASP A 282 3.90 18.51 2.48
CA ASP A 282 4.99 18.72 1.53
C ASP A 282 5.26 17.43 0.73
N PHE A 283 5.31 16.29 1.42
CA PHE A 283 5.53 15.00 0.79
C PHE A 283 4.48 14.73 -0.29
N LEU A 284 3.21 14.87 0.08
CA LEU A 284 2.14 14.55 -0.87
C LEU A 284 1.97 15.61 -1.95
N ARG A 285 2.35 16.85 -1.63
CA ARG A 285 2.31 17.91 -2.62
C ARG A 285 3.33 17.64 -3.72
N ASN A 286 4.56 17.28 -3.33
CA ASN A 286 5.59 16.98 -4.30
C ASN A 286 5.34 15.67 -5.03
N LEU A 287 4.54 14.81 -4.41
CA LEU A 287 4.19 13.53 -5.00
C LEU A 287 3.22 13.70 -6.18
N LYS A 288 2.33 14.68 -6.09
CA LYS A 288 1.32 14.87 -7.14
C LYS A 288 1.94 15.26 -8.48
N LYS A 289 3.07 15.96 -8.44
CA LYS A 289 3.81 16.27 -9.66
C LYS A 289 4.20 14.96 -10.34
N MET A 290 4.71 14.02 -9.55
CA MET A 290 5.08 12.70 -10.04
C MET A 290 3.86 11.78 -10.11
#